data_7ULO
#
_entry.id   7ULO
#
_cell.length_a   63.229
_cell.length_b   65.147
_cell.length_c   109.681
_cell.angle_alpha   90.000
_cell.angle_beta   90.000
_cell.angle_gamma   90.000
#
_symmetry.space_group_name_H-M   'P 21 2 21'
#
loop_
_entity.id
_entity.type
_entity.pdbx_description
1 polymer 'Minor capsid protein P3-RTD'
2 polymer 'Minor capsid protein P3-RTD'
3 non-polymer 'SULFATE ION'
4 water water
#
loop_
_entity_poly.entity_id
_entity_poly.type
_entity_poly.pdbx_seq_one_letter_code
_entity_poly.pdbx_strand_id
1 'polypeptide(L)'
;GPKHERFIAYVGIP(MSE)LTIQARENDDQIILGSLGSQR(MSE)KYIEDENQNYTNISSEYYSQSS(MSE)QAVP
(MSE)YYFNVPKGQWSVDISCEGYQPTSSTSDPHRGRSDG(MSE)IAYSNADSDYWNVGEADGVKISKLRNDNTYRQGHP
ELEINSCHFREGQLLERDATISFHVEAPTDGRFFLVGPAIQKTAKYNYTISYGDWTDRD(MSE)ELGLITVVLDEHL
;
A,B
2 'polypeptide(L)' EGTGSANRVRRPPREGHIYMAS C
#
# COMPACT_ATOMS: atom_id res chain seq x y z
N LYS A 3 -9.89 15.55 32.80
CA LYS A 3 -8.90 15.83 31.76
C LYS A 3 -8.24 14.54 31.23
N HIS A 4 -7.83 14.57 29.96
CA HIS A 4 -7.29 13.39 29.31
C HIS A 4 -6.27 13.82 28.25
N GLU A 5 -5.29 12.96 27.99
CA GLU A 5 -4.35 13.19 26.91
C GLU A 5 -5.04 12.98 25.56
N ARG A 6 -4.94 13.98 24.67
CA ARG A 6 -5.62 13.92 23.39
C ARG A 6 -4.90 13.01 22.40
N PHE A 7 -5.67 12.39 21.51
CA PHE A 7 -5.16 11.56 20.42
C PHE A 7 -5.62 12.15 19.10
N ILE A 8 -4.67 12.56 18.26
CA ILE A 8 -4.97 13.11 16.95
C ILE A 8 -4.31 12.27 15.87
N ALA A 9 -4.97 12.15 14.72
CA ALA A 9 -4.40 11.42 13.61
C ALA A 9 -4.94 11.97 12.29
N TYR A 10 -4.09 11.94 11.26
CA TYR A 10 -4.46 12.22 9.89
C TYR A 10 -4.11 11.02 9.04
N VAL A 11 -5.00 10.64 8.13
CA VAL A 11 -4.65 9.58 7.20
C VAL A 11 -5.28 9.88 5.85
N GLY A 12 -4.54 9.62 4.78
CA GLY A 12 -5.05 9.88 3.45
C GLY A 12 -3.96 9.77 2.40
N ILE A 13 -4.37 10.00 1.15
CA ILE A 13 -3.49 9.87 -0.02
C ILE A 13 -3.58 11.15 -0.84
N PRO A 14 -2.63 12.07 -0.67
CA PRO A 14 -2.59 13.27 -1.51
C PRO A 14 -2.48 12.94 -2.99
N LEU A 16 -1.82 14.55 -7.14
CA LEU A 16 -1.32 15.61 -7.98
C LEU A 16 -1.70 15.29 -9.42
N THR A 17 -2.21 16.29 -10.13
CA THR A 17 -2.54 16.11 -11.54
C THR A 17 -1.34 16.53 -12.35
N ILE A 18 -0.90 15.67 -13.27
CA ILE A 18 0.27 15.95 -14.10
C ILE A 18 -0.15 15.86 -15.56
N GLN A 19 0.74 16.31 -16.44
CA GLN A 19 0.57 16.18 -17.88
C GLN A 19 1.73 15.39 -18.45
N ALA A 20 1.42 14.41 -19.29
CA ALA A 20 2.45 13.60 -19.91
C ALA A 20 2.05 13.28 -21.34
N ARG A 21 3.02 13.38 -22.25
CA ARG A 21 2.76 13.04 -23.65
C ARG A 21 3.26 11.62 -23.91
N GLU A 22 4.49 11.49 -24.39
CA GLU A 22 5.09 10.19 -24.59
C GLU A 22 6.13 9.95 -23.52
N ASN A 23 6.30 8.67 -23.11
CA ASN A 23 7.21 8.50 -21.98
C ASN A 23 8.67 8.68 -22.36
N ASP A 24 8.79 9.19 -23.59
CA ASP A 24 10.01 9.77 -24.14
C ASP A 24 10.30 11.16 -23.57
N ASP A 25 9.25 11.97 -23.38
CA ASP A 25 9.40 13.36 -22.97
C ASP A 25 9.22 13.51 -21.47
N GLN A 26 9.59 14.69 -20.99
CA GLN A 26 9.40 15.07 -19.61
C GLN A 26 7.92 15.10 -19.26
N ILE A 27 7.61 15.37 -17.99
CA ILE A 27 6.23 15.59 -17.57
C ILE A 27 6.14 16.99 -17.00
N ILE A 28 4.92 17.48 -16.93
CA ILE A 28 4.63 18.81 -16.41
C ILE A 28 3.74 18.65 -15.19
N LEU A 29 4.24 19.11 -14.05
CA LEU A 29 3.52 18.92 -12.79
C LEU A 29 2.43 19.95 -12.64
N GLY A 30 1.25 19.52 -12.19
CA GLY A 30 0.18 20.45 -11.88
C GLY A 30 0.51 21.26 -10.64
N SER A 31 -0.48 21.86 -10.00
CA SER A 31 -0.21 22.63 -8.80
C SER A 31 -0.71 21.85 -7.59
N LEU A 32 -0.01 22.02 -6.48
CA LEU A 32 -0.37 21.41 -5.21
C LEU A 32 -1.26 22.37 -4.44
N GLY A 33 -2.25 21.83 -3.76
CA GLY A 33 -3.07 22.71 -2.94
C GLY A 33 -3.67 21.98 -1.76
N SER A 34 -4.97 22.14 -1.57
CA SER A 34 -5.65 21.40 -0.54
C SER A 34 -5.62 19.89 -0.85
N GLN A 35 -5.37 19.09 0.18
CA GLN A 35 -5.41 17.63 0.07
C GLN A 35 -6.38 17.05 1.07
N ARG A 36 -7.49 16.49 0.57
CA ARG A 36 -8.43 15.74 1.39
C ARG A 36 -7.74 14.70 2.26
N LYS A 38 -8.46 12.21 6.11
CA LYS A 38 -9.30 11.86 7.24
C LYS A 38 -8.65 12.39 8.50
N TYR A 39 -9.44 13.03 9.35
CA TYR A 39 -8.99 13.67 10.59
C TYR A 39 -9.64 12.97 11.77
N ILE A 40 -8.86 12.64 12.78
CA ILE A 40 -9.39 11.99 13.95
C ILE A 40 -8.87 12.75 15.16
N GLU A 41 -9.77 13.10 16.07
CA GLU A 41 -9.37 13.64 17.36
C GLU A 41 -10.26 13.00 18.43
N ASP A 42 -9.69 12.07 19.19
CA ASP A 42 -10.44 11.36 20.20
C ASP A 42 -11.73 10.81 19.57
N GLU A 43 -12.88 11.33 19.97
CA GLU A 43 -14.14 10.78 19.47
C GLU A 43 -14.67 11.50 18.24
N ASN A 44 -13.93 12.48 17.72
CA ASN A 44 -14.32 13.20 16.52
C ASN A 44 -13.67 12.59 15.31
N GLN A 45 -14.41 12.51 14.21
CA GLN A 45 -13.82 12.12 12.94
C GLN A 45 -14.52 12.88 11.83
N ASN A 46 -13.74 13.34 10.85
CA ASN A 46 -14.28 13.97 9.65
C ASN A 46 -13.18 14.07 8.61
N TYR A 47 -13.57 14.52 7.43
CA TYR A 47 -12.64 14.80 6.35
C TYR A 47 -12.32 16.29 6.38
N THR A 48 -11.04 16.61 6.31
CA THR A 48 -10.57 17.98 6.32
C THR A 48 -9.63 18.11 5.14
N ASN A 49 -9.26 19.34 4.81
CA ASN A 49 -8.25 19.62 3.81
C ASN A 49 -6.97 20.09 4.50
N ILE A 50 -5.83 19.53 4.11
CA ILE A 50 -4.56 20.01 4.62
C ILE A 50 -3.90 20.82 3.52
N SER A 51 -2.93 21.65 3.91
CA SER A 51 -2.21 22.47 2.98
C SER A 51 -1.07 21.66 2.40
N SER A 52 -0.97 21.61 1.06
CA SER A 52 0.24 21.14 0.42
C SER A 52 0.74 22.19 -0.56
N GLU A 53 2.07 22.28 -0.71
CA GLU A 53 2.67 23.08 -1.77
C GLU A 53 4.07 22.55 -2.02
N TYR A 54 4.76 23.13 -3.01
CA TYR A 54 6.11 22.71 -3.36
C TYR A 54 7.11 23.30 -2.39
N TYR A 55 7.99 22.43 -1.87
CA TYR A 55 9.06 22.84 -0.97
C TYR A 55 10.26 23.37 -1.76
N SER A 56 10.44 22.89 -2.98
CA SER A 56 11.49 23.32 -3.87
C SER A 56 11.05 22.90 -5.26
N GLN A 57 11.60 23.54 -6.27
CA GLN A 57 11.23 23.17 -7.63
C GLN A 57 12.36 23.57 -8.56
N SER A 58 12.62 22.72 -9.55
CA SER A 58 13.64 22.96 -10.55
C SER A 58 13.18 22.33 -11.84
N SER A 59 13.99 22.45 -12.89
CA SER A 59 13.57 21.86 -14.15
C SER A 59 13.59 20.35 -14.09
N GLN A 61 12.95 18.35 -11.18
CA GLN A 61 12.16 17.71 -10.15
C GLN A 61 11.43 18.78 -9.33
N ALA A 62 10.61 18.32 -8.41
CA ALA A 62 9.93 19.20 -7.48
C ALA A 62 9.64 18.36 -6.23
N VAL A 63 9.77 18.99 -5.08
CA VAL A 63 9.62 18.30 -3.80
C VAL A 63 8.36 18.82 -3.12
N PRO A 64 7.46 17.93 -2.63
CA PRO A 64 6.24 18.40 -2.00
C PRO A 64 6.37 18.43 -0.50
N TYR A 66 3.78 18.92 3.18
CA TYR A 66 2.41 18.83 3.65
C TYR A 66 2.36 19.39 5.06
N TYR A 67 1.44 20.31 5.32
CA TYR A 67 1.41 20.99 6.62
C TYR A 67 0.44 20.30 7.58
N PHE A 68 0.87 20.12 8.82
CA PHE A 68 0.04 19.49 9.84
C PHE A 68 -0.04 20.39 11.07
N ASN A 69 -1.26 20.66 11.53
CA ASN A 69 -1.46 21.52 12.69
C ASN A 69 -1.19 20.75 13.98
N VAL A 70 -0.41 21.36 14.86
CA VAL A 70 -0.16 20.89 16.22
C VAL A 70 -0.89 21.83 17.17
N PRO A 71 -1.92 21.38 17.89
CA PRO A 71 -2.51 22.23 18.93
C PRO A 71 -1.49 22.52 20.03
N LYS A 72 -1.76 23.58 20.78
CA LYS A 72 -0.95 23.91 21.95
C LYS A 72 -0.84 22.70 22.87
N GLY A 73 0.37 22.42 23.32
CA GLY A 73 0.60 21.25 24.15
C GLY A 73 1.89 20.58 23.75
N GLN A 74 2.24 19.51 24.45
CA GLN A 74 3.39 18.68 24.09
C GLN A 74 2.90 17.35 23.54
N TRP A 75 3.59 16.82 22.53
CA TRP A 75 3.09 15.68 21.78
C TRP A 75 4.25 14.80 21.37
N SER A 76 3.97 13.52 21.20
CA SER A 76 4.89 12.64 20.49
C SER A 76 4.23 12.27 19.16
N VAL A 77 4.96 12.48 18.05
CA VAL A 77 4.42 12.32 16.71
C VAL A 77 5.00 11.06 16.09
N ASP A 78 4.14 10.27 15.45
CA ASP A 78 4.57 9.11 14.67
C ASP A 78 4.01 9.21 13.27
N ILE A 79 4.89 9.15 12.27
CA ILE A 79 4.48 9.31 10.87
C ILE A 79 4.86 8.06 10.10
N SER A 80 3.90 7.53 9.34
CA SER A 80 4.12 6.41 8.44
C SER A 80 3.82 6.86 7.01
N CYS A 81 4.80 6.75 6.11
CA CYS A 81 4.65 7.17 4.73
C CYS A 81 4.98 6.02 3.78
N GLU A 82 4.15 5.87 2.76
CA GLU A 82 4.33 4.83 1.75
C GLU A 82 4.32 5.52 0.40
N GLY A 83 5.51 5.78 -0.13
CA GLY A 83 5.61 6.48 -1.38
C GLY A 83 5.45 5.53 -2.55
N TYR A 84 4.42 5.77 -3.34
CA TYR A 84 4.26 5.07 -4.59
C TYR A 84 3.47 6.04 -5.44
N GLN A 85 3.82 6.16 -6.72
CA GLN A 85 3.26 7.19 -7.59
C GLN A 85 2.61 6.61 -8.84
N PRO A 86 1.60 5.75 -8.69
CA PRO A 86 0.87 5.27 -9.86
C PRO A 86 0.00 6.37 -10.44
N THR A 87 -0.17 6.32 -11.77
CA THR A 87 -0.94 7.31 -12.51
C THR A 87 -2.13 6.63 -13.16
N SER A 88 -3.18 7.41 -13.40
CA SER A 88 -4.30 6.99 -14.22
C SER A 88 -4.73 8.15 -15.09
N SER A 89 -5.31 7.84 -16.25
CA SER A 89 -5.68 8.86 -17.22
C SER A 89 -6.95 9.57 -16.79
N THR A 90 -6.89 10.90 -16.75
CA THR A 90 -8.06 11.72 -16.42
C THR A 90 -9.19 11.54 -17.42
N SER A 91 -8.87 11.43 -18.70
CA SER A 91 -9.88 11.33 -19.76
C SER A 91 -10.26 9.90 -20.06
N ASP A 92 -9.73 8.94 -19.30
CA ASP A 92 -10.09 7.54 -19.47
C ASP A 92 -11.57 7.37 -19.15
N PRO A 93 -12.39 6.87 -20.12
CA PRO A 93 -13.82 6.67 -19.85
C PRO A 93 -14.12 5.93 -18.56
N HIS A 94 -13.29 4.96 -18.19
CA HIS A 94 -13.47 4.24 -16.95
C HIS A 94 -12.73 4.97 -15.83
N ARG A 95 -13.24 4.78 -14.61
CA ARG A 95 -12.69 5.47 -13.47
C ARG A 95 -11.46 4.71 -12.95
N GLY A 96 -10.34 5.43 -12.85
CA GLY A 96 -9.19 5.01 -12.07
C GLY A 96 -8.42 3.80 -12.58
N ARG A 97 -8.38 3.59 -13.90
CA ARG A 97 -7.60 2.48 -14.45
C ARG A 97 -6.14 2.90 -14.58
N SER A 98 -5.27 2.21 -13.86
CA SER A 98 -3.88 2.66 -13.75
C SER A 98 -3.18 2.52 -15.09
N ASP A 99 -2.36 3.52 -15.44
CA ASP A 99 -1.69 3.53 -16.74
C ASP A 99 -0.18 3.66 -16.59
N GLY A 100 0.36 3.34 -15.42
CA GLY A 100 1.78 3.37 -15.20
C GLY A 100 2.10 4.18 -13.96
N ILE A 102 5.22 7.20 -12.05
CA ILE A 102 6.45 7.99 -12.05
C ILE A 102 7.40 7.41 -11.01
N ALA A 103 8.64 7.16 -11.40
CA ALA A 103 9.62 6.55 -10.50
C ALA A 103 10.38 7.63 -9.75
N TYR A 104 11.22 7.19 -8.80
CA TYR A 104 11.99 8.04 -7.91
C TYR A 104 13.48 7.99 -8.26
N SER A 105 14.19 9.06 -7.93
CA SER A 105 15.64 9.02 -7.97
C SER A 105 16.17 8.13 -6.85
N ASN A 106 17.30 7.49 -7.11
CA ASN A 106 17.99 6.70 -6.11
C ASN A 106 19.01 7.51 -5.33
N ALA A 107 18.96 8.84 -5.42
CA ALA A 107 19.94 9.69 -4.75
C ALA A 107 19.78 9.65 -3.23
N ASP A 108 20.89 9.81 -2.52
CA ASP A 108 20.88 9.76 -1.05
C ASP A 108 20.18 10.95 -0.43
N SER A 109 20.04 12.06 -1.14
CA SER A 109 19.32 13.19 -0.60
C SER A 109 17.81 13.08 -0.80
N ASP A 110 17.31 11.99 -1.39
CA ASP A 110 15.89 11.82 -1.64
C ASP A 110 15.25 10.97 -0.55
N TYR A 111 14.47 11.62 0.32
CA TYR A 111 13.80 10.85 1.36
C TYR A 111 12.71 11.71 2.00
N TRP A 112 11.78 11.04 2.67
CA TRP A 112 10.82 11.72 3.52
C TRP A 112 11.53 12.34 4.73
N ASN A 113 11.10 13.55 5.10
CA ASN A 113 11.70 14.28 6.21
C ASN A 113 10.62 15.17 6.82
N VAL A 114 10.89 15.70 8.02
CA VAL A 114 10.02 16.69 8.65
C VAL A 114 10.82 17.95 8.94
N GLY A 115 10.09 19.01 9.30
CA GLY A 115 10.68 20.28 9.72
C GLY A 115 9.69 21.17 10.42
N GLU A 116 10.23 22.18 11.10
CA GLU A 116 9.43 23.07 11.91
C GLU A 116 8.81 24.17 11.06
N ALA A 117 7.52 24.45 11.30
CA ALA A 117 6.89 25.66 10.82
C ALA A 117 6.56 26.56 12.03
N ASP A 118 5.67 27.52 11.84
CA ASP A 118 5.39 28.53 12.87
C ASP A 118 5.03 27.89 14.21
N GLY A 119 5.81 28.24 15.24
CA GLY A 119 5.41 27.98 16.61
C GLY A 119 5.68 26.62 17.17
N VAL A 120 6.63 25.85 16.61
CA VAL A 120 6.83 24.47 17.08
C VAL A 120 8.32 24.16 17.20
N LYS A 121 8.67 23.38 18.21
CA LYS A 121 10.03 22.90 18.48
C LYS A 121 10.01 21.40 18.25
N ILE A 122 10.76 20.93 17.26
CA ILE A 122 10.89 19.50 17.00
C ILE A 122 12.16 19.01 17.69
N SER A 123 12.04 17.94 18.47
CA SER A 123 13.21 17.23 19.02
C SER A 123 13.00 15.73 18.87
N LYS A 124 14.10 14.99 19.05
CA LYS A 124 14.13 13.52 19.01
C LYS A 124 13.83 12.95 17.63
N LEU A 125 14.28 13.60 16.56
CA LEU A 125 13.92 13.10 15.24
C LEU A 125 14.55 11.72 15.01
N ARG A 126 13.70 10.74 14.71
CA ARG A 126 14.13 9.41 14.29
C ARG A 126 13.47 9.17 12.93
N ASN A 127 14.27 8.79 11.94
CA ASN A 127 13.86 8.84 10.54
C ASN A 127 14.46 7.63 9.82
N ASP A 128 13.63 6.61 9.54
CA ASP A 128 14.06 5.40 8.82
C ASP A 128 13.41 5.40 7.44
N ASN A 129 14.21 5.58 6.41
CA ASN A 129 13.74 5.57 5.02
C ASN A 129 14.17 4.28 4.34
N THR A 130 13.24 3.64 3.63
CA THR A 130 13.47 2.45 2.83
C THR A 130 12.89 2.65 1.42
N TYR A 131 13.21 1.73 0.51
CA TYR A 131 12.76 1.85 -0.87
C TYR A 131 12.63 0.47 -1.51
N ARG A 132 11.94 0.43 -2.64
CA ARG A 132 11.83 -0.76 -3.47
C ARG A 132 12.50 -0.45 -4.81
N GLN A 133 13.37 -1.35 -5.26
CA GLN A 133 14.03 -1.14 -6.54
C GLN A 133 13.42 -2.02 -7.63
N GLY A 134 13.42 -1.49 -8.85
CA GLY A 134 13.12 -2.32 -10.00
C GLY A 134 14.27 -3.26 -10.34
N HIS A 135 13.93 -4.45 -10.75
CA HIS A 135 14.86 -5.30 -11.48
C HIS A 135 15.31 -4.54 -12.74
N PRO A 136 16.62 -4.48 -13.03
CA PRO A 136 17.09 -3.76 -14.24
C PRO A 136 16.34 -4.09 -15.51
N GLU A 137 16.01 -5.37 -15.72
CA GLU A 137 15.31 -5.76 -16.94
C GLU A 137 13.80 -5.70 -16.78
N LEU A 138 13.30 -5.18 -15.66
CA LEU A 138 11.87 -4.89 -15.58
C LEU A 138 11.53 -3.85 -16.63
N GLU A 139 10.40 -4.03 -17.31
CA GLU A 139 9.96 -3.14 -18.38
C GLU A 139 8.49 -2.78 -18.16
N ILE A 140 8.19 -1.48 -18.04
CA ILE A 140 6.83 -0.97 -17.90
C ILE A 140 6.57 0.01 -19.03
N ASN A 141 5.58 -0.29 -19.87
CA ASN A 141 5.28 0.51 -21.06
C ASN A 141 6.55 0.80 -21.88
N SER A 142 7.35 -0.25 -22.09
CA SER A 142 8.50 -0.26 -22.99
C SER A 142 9.71 0.49 -22.45
N CYS A 143 9.76 0.82 -21.17
CA CYS A 143 10.95 1.40 -20.57
C CYS A 143 11.46 0.47 -19.50
N HIS A 144 12.79 0.38 -19.36
CA HIS A 144 13.42 -0.52 -18.41
C HIS A 144 13.88 0.26 -17.18
N PHE A 145 14.59 -0.42 -16.28
CA PHE A 145 15.02 0.11 -14.98
C PHE A 145 16.52 -0.03 -14.82
N ARG A 146 17.28 0.20 -15.90
CA ARG A 146 18.72 -0.03 -15.85
C ARG A 146 19.46 1.10 -15.15
N GLU A 147 18.92 2.32 -15.13
CA GLU A 147 19.50 3.42 -14.37
C GLU A 147 19.05 3.42 -12.92
N GLY A 148 18.65 2.25 -12.39
CA GLY A 148 18.30 2.12 -10.99
C GLY A 148 17.18 3.01 -10.51
N GLN A 149 16.20 3.35 -11.37
CA GLN A 149 15.02 4.07 -10.90
C GLN A 149 14.26 3.22 -9.88
N LEU A 150 13.68 3.88 -8.88
CA LEU A 150 13.02 3.20 -7.78
C LEU A 150 11.52 3.16 -7.99
N LEU A 151 10.89 2.12 -7.45
CA LEU A 151 9.46 2.01 -7.52
C LEU A 151 8.77 2.65 -6.31
N GLU A 152 9.31 2.44 -5.12
CA GLU A 152 8.70 2.92 -3.89
C GLU A 152 9.75 3.56 -3.00
N ARG A 153 9.31 4.52 -2.19
CA ARG A 153 10.12 5.12 -1.14
C ARG A 153 9.23 5.26 0.09
N ASP A 154 9.54 4.52 1.15
CA ASP A 154 8.78 4.51 2.39
C ASP A 154 9.59 5.12 3.54
N ALA A 155 8.88 5.49 4.60
CA ALA A 155 9.56 6.00 5.79
C ALA A 155 8.64 5.83 6.98
N THR A 156 9.26 5.71 8.14
CA THR A 156 8.59 5.76 9.44
C THR A 156 9.39 6.75 10.26
N ILE A 157 8.73 7.78 10.78
CA ILE A 157 9.37 8.90 11.44
C ILE A 157 8.69 9.08 12.79
N SER A 158 9.48 9.42 13.80
CA SER A 158 8.95 9.75 15.11
C SER A 158 9.75 10.90 15.68
N PHE A 159 9.10 11.74 16.46
CA PHE A 159 9.75 12.87 17.09
C PHE A 159 8.84 13.40 18.17
N HIS A 160 9.41 14.24 19.02
CA HIS A 160 8.67 15.03 19.98
C HIS A 160 8.47 16.43 19.42
N VAL A 161 7.39 17.05 19.84
CA VAL A 161 7.09 18.39 19.35
C VAL A 161 6.41 19.18 20.46
N GLU A 162 6.99 20.32 20.79
CA GLU A 162 6.46 21.23 21.79
C GLU A 162 5.85 22.42 21.09
N ALA A 163 4.61 22.73 21.44
CA ALA A 163 3.90 23.84 20.80
C ALA A 163 3.53 24.86 21.86
N PRO A 164 4.38 25.87 22.10
CA PRO A 164 4.00 26.94 23.03
C PRO A 164 2.64 27.54 22.67
N THR A 165 2.36 27.69 21.39
CA THR A 165 1.04 28.09 20.91
C THR A 165 0.61 27.12 19.82
N ASP A 166 -0.62 27.30 19.30
CA ASP A 166 -1.05 26.51 18.14
C ASP A 166 -0.06 26.73 17.00
N GLY A 167 0.49 25.64 16.47
CA GLY A 167 1.51 25.75 15.44
C GLY A 167 1.36 24.76 14.31
N ARG A 168 2.44 24.58 13.55
CA ARG A 168 2.41 23.76 12.35
C ARG A 168 3.79 23.14 12.20
N PHE A 169 3.84 21.87 11.81
CA PHE A 169 5.04 21.28 11.24
C PHE A 169 4.72 20.85 9.81
N PHE A 170 5.76 20.55 9.04
CA PHE A 170 5.56 20.12 7.66
C PHE A 170 6.32 18.84 7.41
N LEU A 171 5.74 17.99 6.56
CA LEU A 171 6.36 16.76 6.11
C LEU A 171 6.76 16.94 4.65
N VAL A 172 7.97 16.49 4.32
CA VAL A 172 8.52 16.65 2.97
C VAL A 172 8.51 15.28 2.31
N GLY A 173 7.95 15.20 1.12
CA GLY A 173 7.96 13.94 0.39
C GLY A 173 9.26 13.79 -0.39
N PRO A 174 9.48 12.60 -0.95
CA PRO A 174 10.56 12.45 -1.92
C PRO A 174 10.26 13.27 -3.18
N ALA A 175 11.30 13.45 -4.00
CA ALA A 175 11.18 14.32 -5.16
C ALA A 175 10.27 13.70 -6.22
N ILE A 176 9.45 14.55 -6.82
CA ILE A 176 8.69 14.19 -8.01
C ILE A 176 9.58 14.45 -9.23
N GLN A 177 10.04 13.39 -9.89
CA GLN A 177 10.99 13.52 -10.98
C GLN A 177 10.27 13.94 -12.27
N LYS A 178 10.81 14.97 -12.93
CA LYS A 178 10.14 15.48 -14.12
C LYS A 178 10.68 14.93 -15.41
N THR A 179 11.93 14.42 -15.43
CA THR A 179 12.57 14.02 -16.67
C THR A 179 12.10 12.62 -17.10
N ALA A 180 12.31 12.33 -18.39
CA ALA A 180 11.76 11.13 -19.02
C ALA A 180 12.34 9.85 -18.46
N LYS A 181 13.52 9.92 -17.84
CA LYS A 181 14.14 8.75 -17.25
C LYS A 181 13.17 8.05 -16.29
N TYR A 182 12.28 8.82 -15.66
CA TYR A 182 11.41 8.34 -14.60
C TYR A 182 9.94 8.33 -15.00
N ASN A 183 9.65 8.53 -16.28
CA ASN A 183 8.28 8.60 -16.76
C ASN A 183 7.94 7.22 -17.30
N TYR A 184 7.09 6.48 -16.57
CA TYR A 184 6.65 5.15 -16.99
C TYR A 184 5.15 5.13 -17.31
N THR A 185 4.60 6.26 -17.74
CA THR A 185 3.19 6.37 -18.09
C THR A 185 2.95 5.88 -19.51
N ILE A 186 1.69 5.52 -19.83
CA ILE A 186 1.37 5.21 -21.22
C ILE A 186 1.63 6.43 -22.10
N SER A 187 2.24 6.19 -23.25
CA SER A 187 2.49 7.26 -24.22
C SER A 187 1.21 7.67 -24.94
N TYR A 188 1.05 8.96 -25.14
CA TYR A 188 -0.12 9.51 -25.84
C TYR A 188 0.33 10.52 -26.89
N GLY A 189 -0.54 10.74 -27.87
CA GLY A 189 -0.26 11.67 -28.94
C GLY A 189 0.14 13.06 -28.47
N ASP A 190 -0.76 13.76 -27.78
CA ASP A 190 -0.47 15.08 -27.23
C ASP A 190 -0.60 15.02 -25.71
N TRP A 191 -0.26 16.13 -25.06
CA TRP A 191 -0.26 16.19 -23.60
C TRP A 191 -1.60 15.78 -23.04
N THR A 192 -1.56 14.83 -22.10
CA THR A 192 -2.76 14.25 -21.52
C THR A 192 -2.67 14.32 -20.00
N ASP A 193 -3.72 14.81 -19.37
CA ASP A 193 -3.75 14.89 -17.92
C ASP A 193 -3.77 13.49 -17.33
N ARG A 194 -2.93 13.25 -16.31
CA ARG A 194 -3.02 12.04 -15.51
C ARG A 194 -3.10 12.42 -14.03
N ASP A 195 -3.91 11.66 -13.28
CA ASP A 195 -3.95 11.82 -11.83
C ASP A 195 -2.84 10.98 -11.23
N GLU A 197 -1.02 9.61 -7.79
CA GLU A 197 -0.97 9.46 -6.35
C GLU A 197 0.40 9.85 -5.83
N LEU A 198 0.43 10.51 -4.67
CA LEU A 198 1.69 10.91 -4.06
C LEU A 198 2.11 10.03 -2.90
N GLY A 199 1.27 9.08 -2.49
CA GLY A 199 1.63 8.20 -1.38
C GLY A 199 0.66 8.25 -0.22
N LEU A 200 0.61 7.17 0.55
CA LEU A 200 -0.25 7.08 1.72
C LEU A 200 0.52 7.62 2.93
N ILE A 201 -0.05 8.60 3.61
CA ILE A 201 0.59 9.22 4.78
C ILE A 201 -0.31 9.01 5.98
N THR A 202 0.27 8.57 7.10
CA THR A 202 -0.43 8.46 8.39
C THR A 202 0.35 9.26 9.42
N VAL A 203 -0.31 10.25 10.03
CA VAL A 203 0.29 11.10 11.06
C VAL A 203 -0.51 10.88 12.34
N VAL A 204 0.19 10.56 13.43
CA VAL A 204 -0.44 10.38 14.73
C VAL A 204 0.20 11.32 15.74
N LEU A 205 -0.60 11.96 16.58
CA LEU A 205 -0.09 12.83 17.64
C LEU A 205 -0.71 12.42 18.97
N ASP A 206 0.10 11.92 19.91
CA ASP A 206 -0.32 11.66 21.28
C ASP A 206 0.10 12.78 22.20
N GLU A 207 -0.87 13.36 22.91
CA GLU A 207 -0.56 14.39 23.89
C GLU A 207 0.15 13.79 25.11
N HIS A 208 1.15 14.53 25.61
CA HIS A 208 1.81 14.26 26.88
C HIS A 208 1.46 15.39 27.85
N LEU A 209 1.17 15.04 29.10
CA LEU A 209 0.75 16.05 30.07
C LEU A 209 1.52 16.02 31.41
N GLU B 5 -4.59 -7.77 27.22
CA GLU B 5 -5.56 -8.48 26.39
C GLU B 5 -6.79 -7.61 26.07
N ARG B 6 -6.57 -6.32 25.81
CA ARG B 6 -7.61 -5.46 25.26
C ARG B 6 -7.39 -5.13 23.79
N PHE B 7 -6.13 -5.07 23.34
CA PHE B 7 -5.79 -4.69 21.97
C PHE B 7 -4.72 -5.62 21.40
N ILE B 8 -5.01 -6.22 20.25
CA ILE B 8 -4.12 -7.19 19.59
C ILE B 8 -4.14 -6.89 18.10
N ALA B 9 -2.96 -6.93 17.46
CA ALA B 9 -2.90 -6.66 16.02
C ALA B 9 -1.87 -7.54 15.31
N TYR B 10 -2.19 -7.89 14.07
CA TYR B 10 -1.26 -8.51 13.12
C TYR B 10 -1.14 -7.64 11.89
N VAL B 11 0.09 -7.47 11.39
CA VAL B 11 0.27 -6.75 10.14
C VAL B 11 1.48 -7.34 9.41
N GLY B 12 1.28 -7.71 8.16
CA GLY B 12 2.37 -8.28 7.41
C GLY B 12 1.97 -8.63 6.00
N ILE B 13 2.95 -9.09 5.24
CA ILE B 13 2.77 -9.50 3.86
C ILE B 13 3.16 -10.98 3.75
N PRO B 14 2.17 -11.87 3.67
CA PRO B 14 2.47 -13.28 3.41
C PRO B 14 3.20 -13.44 2.08
N LEU B 16 4.80 -16.23 -0.97
CA LEU B 16 4.70 -17.54 -1.63
C LEU B 16 5.77 -17.61 -2.70
N THR B 17 6.50 -18.70 -2.75
CA THR B 17 7.45 -18.87 -3.83
C THR B 17 6.75 -19.50 -5.02
N ILE B 18 7.02 -18.98 -6.22
CA ILE B 18 6.47 -19.51 -7.46
C ILE B 18 7.62 -19.82 -8.42
N GLN B 19 7.30 -20.56 -9.49
CA GLN B 19 8.21 -20.74 -10.60
C GLN B 19 7.52 -20.26 -11.86
N ALA B 20 8.27 -19.55 -12.70
CA ALA B 20 7.71 -19.03 -13.94
C ALA B 20 8.77 -19.17 -15.02
N ARG B 21 8.32 -19.41 -16.25
CA ARG B 21 9.24 -19.56 -17.37
C ARG B 21 8.99 -18.46 -18.40
N GLU B 22 8.39 -18.78 -19.54
CA GLU B 22 8.05 -17.80 -20.54
C GLU B 22 6.69 -17.19 -20.25
N ASN B 23 6.33 -16.18 -21.04
CA ASN B 23 5.07 -15.49 -20.86
C ASN B 23 3.88 -16.27 -21.39
N ASP B 24 4.09 -17.27 -22.24
CA ASP B 24 2.99 -18.15 -22.64
C ASP B 24 2.88 -19.40 -21.75
N ASP B 25 3.67 -19.49 -20.69
CA ASP B 25 3.59 -20.60 -19.75
C ASP B 25 2.77 -20.23 -18.52
N GLN B 26 2.11 -21.24 -17.96
CA GLN B 26 1.56 -21.15 -16.61
C GLN B 26 2.68 -20.84 -15.60
N ILE B 27 2.29 -20.50 -14.37
CA ILE B 27 3.22 -20.47 -13.26
C ILE B 27 2.92 -21.67 -12.37
N ILE B 28 3.90 -22.04 -11.56
CA ILE B 28 3.79 -23.19 -10.66
C ILE B 28 3.91 -22.66 -9.23
N LEU B 29 2.94 -22.98 -8.39
CA LEU B 29 2.90 -22.46 -7.02
C LEU B 29 3.67 -23.36 -6.07
N GLY B 30 4.40 -22.75 -5.15
CA GLY B 30 5.10 -23.48 -4.11
C GLY B 30 4.17 -23.82 -2.97
N SER B 31 4.77 -24.09 -1.82
CA SER B 31 4.01 -24.51 -0.65
C SER B 31 3.74 -23.32 0.27
N LEU B 32 2.62 -23.42 1.00
CA LEU B 32 2.26 -22.56 2.12
C LEU B 32 2.16 -23.44 3.36
N GLY B 33 2.65 -22.97 4.51
CA GLY B 33 3.43 -21.78 4.68
C GLY B 33 3.24 -21.11 6.04
N SER B 34 4.30 -21.04 6.84
CA SER B 34 4.34 -20.08 7.94
C SER B 34 4.65 -18.70 7.39
N GLN B 35 3.91 -17.70 7.85
CA GLN B 35 4.03 -16.34 7.36
C GLN B 35 4.35 -15.42 8.53
N ARG B 36 5.56 -14.84 8.51
CA ARG B 36 5.96 -13.93 9.58
C ARG B 36 5.15 -12.64 9.54
N LYS B 38 4.20 -8.88 11.89
CA LYS B 38 4.38 -8.07 13.08
C LYS B 38 3.22 -8.34 14.03
N TYR B 39 3.53 -8.55 15.32
CA TYR B 39 2.51 -8.84 16.31
C TYR B 39 2.50 -7.74 17.36
N ILE B 40 1.30 -7.29 17.76
CA ILE B 40 1.12 -6.13 18.62
C ILE B 40 0.25 -6.50 19.82
N GLU B 41 0.70 -6.17 21.03
CA GLU B 41 -0.09 -6.33 22.26
C GLU B 41 -0.13 -4.99 23.00
N ASP B 42 -1.22 -4.25 22.83
CA ASP B 42 -1.39 -2.97 23.52
C ASP B 42 -0.20 -2.07 23.23
N GLU B 43 0.86 -2.22 24.02
CA GLU B 43 2.06 -1.41 23.91
C GLU B 43 3.28 -2.18 23.39
N ASN B 44 3.18 -3.51 23.28
CA ASN B 44 4.30 -4.35 22.86
C ASN B 44 4.31 -4.51 21.33
N GLN B 45 5.50 -4.40 20.76
CA GLN B 45 5.74 -4.53 19.32
C GLN B 45 6.70 -5.71 19.10
N ASN B 46 6.14 -6.91 18.91
CA ASN B 46 6.89 -8.15 18.74
C ASN B 46 6.68 -8.72 17.31
N TYR B 47 7.15 -9.96 17.07
CA TYR B 47 6.97 -10.64 15.80
C TYR B 47 6.44 -12.04 16.04
N THR B 48 5.69 -12.56 15.05
CA THR B 48 5.14 -13.91 15.17
C THR B 48 4.95 -14.50 13.79
N ASN B 49 4.83 -15.83 13.75
CA ASN B 49 4.42 -16.56 12.56
C ASN B 49 2.93 -16.87 12.67
N ILE B 50 2.24 -16.85 11.54
CA ILE B 50 0.88 -17.38 11.46
C ILE B 50 0.87 -18.49 10.42
N SER B 51 -0.20 -19.28 10.46
CA SER B 51 -0.30 -20.48 9.64
C SER B 51 -1.12 -20.18 8.40
N SER B 52 -0.52 -20.37 7.21
CA SER B 52 -1.25 -20.30 5.96
C SER B 52 -1.19 -21.65 5.23
N GLU B 53 -2.19 -21.88 4.39
CA GLU B 53 -2.29 -23.11 3.61
C GLU B 53 -3.33 -22.87 2.53
N TYR B 54 -3.58 -23.90 1.72
CA TYR B 54 -4.49 -23.79 0.58
C TYR B 54 -5.92 -24.19 0.95
N TYR B 55 -6.83 -23.22 0.81
CA TYR B 55 -8.25 -23.49 0.94
C TYR B 55 -8.77 -24.35 -0.21
N SER B 56 -8.37 -24.04 -1.44
CA SER B 56 -8.73 -24.84 -2.59
C SER B 56 -7.61 -24.74 -3.61
N GLN B 57 -7.68 -25.61 -4.62
CA GLN B 57 -6.71 -25.62 -5.71
C GLN B 57 -7.40 -26.23 -6.92
N SER B 58 -7.05 -25.73 -8.10
CA SER B 58 -7.43 -26.36 -9.35
C SER B 58 -6.29 -26.16 -10.33
N SER B 59 -6.48 -26.62 -11.57
CA SER B 59 -5.43 -26.43 -12.56
C SER B 59 -5.26 -24.97 -12.95
N GLN B 61 -6.13 -22.14 -10.74
CA GLN B 61 -5.91 -21.19 -9.66
C GLN B 61 -5.75 -21.94 -8.34
N ALA B 62 -5.45 -21.18 -7.29
CA ALA B 62 -5.40 -21.66 -5.91
C ALA B 62 -5.77 -20.51 -4.99
N VAL B 63 -6.59 -20.82 -3.99
CA VAL B 63 -7.05 -19.84 -2.99
C VAL B 63 -6.28 -20.08 -1.70
N PRO B 64 -5.65 -19.05 -1.10
CA PRO B 64 -4.92 -19.25 0.15
C PRO B 64 -5.75 -18.91 1.39
N TYR B 66 -5.36 -17.99 5.80
CA TYR B 66 -4.50 -17.62 6.90
C TYR B 66 -5.30 -17.74 8.19
N TYR B 67 -4.73 -18.39 9.20
CA TYR B 67 -5.40 -18.50 10.49
C TYR B 67 -4.85 -17.46 11.45
N PHE B 68 -5.74 -16.78 12.18
CA PHE B 68 -5.34 -15.83 13.18
C PHE B 68 -5.91 -16.28 14.51
N ASN B 69 -5.09 -16.21 15.56
CA ASN B 69 -5.48 -16.73 16.86
C ASN B 69 -6.34 -15.70 17.59
N VAL B 70 -7.37 -16.20 18.26
CA VAL B 70 -8.33 -15.38 19.00
C VAL B 70 -8.38 -15.88 20.45
N PRO B 71 -7.86 -15.12 21.41
CA PRO B 71 -7.94 -15.53 22.81
C PRO B 71 -9.38 -15.60 23.28
N LYS B 72 -9.58 -16.29 24.41
CA LYS B 72 -10.92 -16.36 25.00
C LYS B 72 -11.45 -14.96 25.30
N GLY B 73 -12.70 -14.70 24.91
CA GLY B 73 -13.28 -13.38 25.14
C GLY B 73 -14.16 -12.96 23.98
N GLN B 74 -14.53 -11.69 24.00
CA GLN B 74 -15.45 -11.10 23.02
C GLN B 74 -14.74 -9.93 22.33
N TRP B 75 -14.66 -9.99 20.99
CA TRP B 75 -13.74 -9.13 20.27
C TRP B 75 -14.40 -8.46 19.07
N SER B 76 -14.00 -7.20 18.84
CA SER B 76 -14.25 -6.50 17.59
C SER B 76 -13.05 -6.75 16.68
N VAL B 77 -13.29 -7.26 15.48
CA VAL B 77 -12.23 -7.54 14.51
C VAL B 77 -12.42 -6.62 13.31
N ASP B 78 -11.39 -5.86 12.97
CA ASP B 78 -11.37 -5.11 11.72
C ASP B 78 -10.15 -5.55 10.93
N ILE B 79 -10.33 -5.77 9.63
CA ILE B 79 -9.28 -6.31 8.78
C ILE B 79 -9.19 -5.47 7.52
N SER B 80 -8.00 -4.95 7.26
CA SER B 80 -7.70 -4.34 5.96
C SER B 80 -6.85 -5.33 5.16
N CYS B 81 -7.33 -5.67 3.96
CA CYS B 81 -6.63 -6.55 3.03
C CYS B 81 -6.30 -5.73 1.78
N GLU B 82 -5.01 -5.50 1.53
CA GLU B 82 -4.62 -4.78 0.32
C GLU B 82 -3.94 -5.77 -0.61
N GLY B 83 -4.73 -6.34 -1.51
CA GLY B 83 -4.24 -7.38 -2.42
C GLY B 83 -3.45 -6.88 -3.60
N TYR B 84 -2.15 -7.13 -3.57
CA TYR B 84 -1.26 -6.84 -4.69
C TYR B 84 -0.15 -7.89 -4.67
N GLN B 85 0.19 -8.43 -5.85
CA GLN B 85 1.08 -9.58 -5.93
C GLN B 85 2.32 -9.30 -6.79
N PRO B 86 3.16 -8.35 -6.38
CA PRO B 86 4.43 -8.19 -7.08
C PRO B 86 5.34 -9.37 -6.81
N THR B 87 6.24 -9.59 -7.76
CA THR B 87 7.16 -10.71 -7.74
C THR B 87 8.58 -10.19 -7.77
N SER B 88 9.48 -10.92 -7.15
CA SER B 88 10.90 -10.59 -7.20
C SER B 88 11.66 -11.89 -7.40
N SER B 89 12.88 -11.76 -7.90
CA SER B 89 13.73 -12.93 -8.09
C SER B 89 14.18 -13.50 -6.74
N THR B 90 14.27 -14.82 -6.67
CA THR B 90 14.64 -15.47 -5.42
C THR B 90 16.14 -15.55 -5.21
N SER B 91 16.92 -15.39 -6.28
CA SER B 91 18.36 -15.55 -6.26
C SER B 91 19.05 -14.22 -6.50
N ASP B 92 20.22 -14.05 -5.88
CA ASP B 92 21.06 -12.89 -6.14
C ASP B 92 21.50 -12.90 -7.61
N PRO B 93 21.80 -11.73 -8.20
CA PRO B 93 21.93 -10.36 -7.69
C PRO B 93 20.67 -9.49 -7.44
N HIS B 94 19.45 -9.99 -7.60
CA HIS B 94 18.33 -9.06 -7.61
C HIS B 94 17.22 -9.47 -6.65
N ARG B 95 17.57 -10.11 -5.54
CA ARG B 95 16.60 -10.46 -4.52
C ARG B 95 15.85 -9.21 -4.07
N GLY B 96 14.53 -9.28 -4.04
CA GLY B 96 13.77 -8.17 -3.53
C GLY B 96 13.65 -6.98 -4.47
N ARG B 97 14.16 -7.08 -5.70
CA ARG B 97 13.86 -6.10 -6.75
C ARG B 97 12.68 -6.61 -7.55
N SER B 98 11.68 -5.75 -7.77
CA SER B 98 10.46 -6.18 -8.43
C SER B 98 10.71 -6.55 -9.89
N ASP B 99 10.33 -7.76 -10.29
CA ASP B 99 10.51 -8.20 -11.67
C ASP B 99 9.18 -8.41 -12.39
N GLY B 100 8.07 -8.13 -11.74
CA GLY B 100 6.77 -8.21 -12.36
C GLY B 100 5.68 -8.41 -11.31
N ILE B 102 1.69 -10.88 -10.58
CA ILE B 102 0.63 -11.80 -10.99
C ILE B 102 -0.68 -11.05 -10.81
N ALA B 103 -1.44 -10.90 -11.89
CA ALA B 103 -2.70 -10.21 -11.88
C ALA B 103 -3.82 -11.12 -11.34
N TYR B 104 -5.00 -10.55 -11.12
CA TYR B 104 -6.15 -11.33 -10.63
C TYR B 104 -7.21 -11.48 -11.69
N SER B 105 -8.13 -12.40 -11.43
CA SER B 105 -9.29 -12.63 -12.25
C SER B 105 -10.38 -11.64 -11.87
N ASN B 106 -11.18 -11.24 -12.86
CA ASN B 106 -12.32 -10.35 -12.63
C ASN B 106 -13.61 -11.10 -12.27
N ALA B 107 -13.52 -12.40 -12.01
CA ALA B 107 -14.72 -13.18 -11.71
C ALA B 107 -15.35 -12.73 -10.40
N ASP B 108 -16.68 -12.70 -10.38
CA ASP B 108 -17.43 -12.25 -9.20
C ASP B 108 -17.20 -13.11 -7.96
N SER B 109 -16.71 -14.34 -8.13
CA SER B 109 -16.56 -15.28 -7.03
C SER B 109 -15.23 -15.16 -6.29
N ASP B 110 -14.33 -14.34 -6.78
CA ASP B 110 -12.97 -14.22 -6.26
C ASP B 110 -12.91 -13.02 -5.29
N TYR B 111 -12.83 -13.28 -3.98
CA TYR B 111 -12.76 -12.15 -3.04
C TYR B 111 -12.34 -12.58 -1.64
N TRP B 112 -11.76 -11.63 -0.90
CA TRP B 112 -11.39 -11.87 0.49
C TRP B 112 -12.63 -12.23 1.29
N ASN B 113 -12.47 -13.15 2.23
CA ASN B 113 -13.55 -13.56 3.10
C ASN B 113 -12.95 -14.16 4.36
N VAL B 114 -13.80 -14.34 5.37
CA VAL B 114 -13.39 -14.95 6.62
C VAL B 114 -14.35 -16.07 6.96
N GLY B 115 -13.90 -16.97 7.82
CA GLY B 115 -14.73 -18.06 8.28
C GLY B 115 -14.38 -18.40 9.72
N GLU B 116 -15.28 -19.16 10.34
CA GLU B 116 -15.08 -19.62 11.72
C GLU B 116 -14.23 -20.88 11.76
N ALA B 117 -13.42 -21.00 12.82
CA ALA B 117 -12.73 -22.25 13.12
C ALA B 117 -12.76 -22.48 14.63
N ASP B 118 -12.79 -23.74 15.02
CA ASP B 118 -12.56 -24.17 16.39
C ASP B 118 -13.48 -23.43 17.37
N GLY B 119 -14.78 -23.80 17.32
CA GLY B 119 -15.77 -23.35 18.27
C GLY B 119 -15.67 -21.87 18.58
N VAL B 120 -16.03 -21.06 17.59
CA VAL B 120 -15.85 -19.62 17.63
C VAL B 120 -16.93 -19.03 16.75
N LYS B 121 -17.62 -18.02 17.26
CA LYS B 121 -18.80 -17.49 16.59
C LYS B 121 -18.49 -16.12 15.98
N ILE B 122 -18.56 -16.04 14.65
CA ILE B 122 -18.46 -14.77 13.95
C ILE B 122 -19.86 -14.22 13.75
N SER B 123 -20.04 -12.95 14.05
CA SER B 123 -21.34 -12.30 13.91
C SER B 123 -21.16 -10.91 13.30
N LYS B 124 -22.24 -10.39 12.72
CA LYS B 124 -22.25 -9.01 12.22
C LYS B 124 -21.18 -8.83 11.14
N LEU B 125 -21.03 -9.84 10.30
CA LEU B 125 -20.00 -9.84 9.27
C LEU B 125 -20.30 -8.78 8.20
N ARG B 126 -19.41 -7.79 8.08
CA ARG B 126 -19.50 -6.83 6.98
C ARG B 126 -18.21 -6.90 6.17
N ASN B 127 -18.34 -7.26 4.90
CA ASN B 127 -17.22 -7.55 4.02
C ASN B 127 -17.41 -6.72 2.75
N ASP B 128 -16.44 -5.86 2.45
CA ASP B 128 -16.51 -4.91 1.34
C ASP B 128 -15.30 -5.13 0.44
N ASN B 129 -15.53 -5.75 -0.72
CA ASN B 129 -14.46 -6.06 -1.65
C ASN B 129 -14.41 -5.04 -2.78
N THR B 130 -13.20 -4.62 -3.15
CA THR B 130 -12.96 -3.69 -4.25
C THR B 130 -11.84 -4.24 -5.15
N TYR B 131 -11.66 -3.59 -6.30
CA TYR B 131 -10.64 -4.00 -7.25
C TYR B 131 -10.18 -2.78 -8.03
N ARG B 132 -8.96 -2.87 -8.57
CA ARG B 132 -8.43 -1.80 -9.40
C ARG B 132 -8.00 -2.39 -10.74
N GLN B 133 -8.49 -1.80 -11.82
CA GLN B 133 -8.20 -2.34 -13.13
C GLN B 133 -6.98 -1.66 -13.73
N GLY B 134 -6.36 -2.35 -14.69
CA GLY B 134 -5.31 -1.74 -15.49
C GLY B 134 -5.88 -1.16 -16.77
N HIS B 135 -5.32 -0.03 -17.18
CA HIS B 135 -5.66 0.49 -18.50
C HIS B 135 -5.36 -0.59 -19.53
N PRO B 136 -6.30 -0.90 -20.42
CA PRO B 136 -6.08 -1.95 -21.42
C PRO B 136 -4.69 -1.90 -22.04
N GLU B 137 -4.22 -0.71 -22.37
CA GLU B 137 -2.95 -0.60 -23.06
C GLU B 137 -1.75 -0.54 -22.12
N LEU B 138 -1.97 -0.52 -20.81
CA LEU B 138 -0.86 -0.65 -19.88
C LEU B 138 -0.05 -1.90 -20.20
N GLU B 139 1.27 -1.79 -20.19
CA GLU B 139 2.12 -2.88 -20.61
C GLU B 139 3.19 -3.11 -19.56
N ILE B 140 3.30 -4.37 -19.12
CA ILE B 140 4.31 -4.81 -18.17
C ILE B 140 5.00 -6.02 -18.78
N ASN B 141 6.32 -5.94 -18.95
CA ASN B 141 7.14 -7.00 -19.55
C ASN B 141 6.52 -7.53 -20.84
N SER B 142 6.08 -6.60 -21.68
CA SER B 142 5.53 -6.86 -23.01
C SER B 142 4.15 -7.51 -22.98
N CYS B 143 3.47 -7.51 -21.83
CA CYS B 143 2.14 -8.09 -21.70
C CYS B 143 1.15 -6.99 -21.34
N HIS B 144 -0.06 -7.00 -21.93
CA HIS B 144 -1.03 -5.94 -21.71
C HIS B 144 -2.17 -6.42 -20.81
N PHE B 145 -3.13 -5.53 -20.57
CA PHE B 145 -4.29 -5.86 -19.76
C PHE B 145 -5.56 -5.74 -20.59
N ARG B 146 -5.65 -6.53 -21.66
CA ARG B 146 -6.76 -6.47 -22.58
C ARG B 146 -7.84 -7.50 -22.30
N GLU B 147 -7.68 -8.31 -21.26
CA GLU B 147 -8.74 -9.22 -20.85
C GLU B 147 -9.27 -8.91 -19.45
N GLY B 148 -9.24 -7.64 -19.06
CA GLY B 148 -9.70 -7.29 -17.74
C GLY B 148 -8.95 -8.03 -16.65
N GLN B 149 -7.63 -8.14 -16.80
CA GLN B 149 -6.80 -8.57 -15.68
C GLN B 149 -6.75 -7.46 -14.65
N LEU B 150 -6.97 -7.81 -13.40
CA LEU B 150 -6.96 -6.84 -12.31
C LEU B 150 -5.58 -6.74 -11.69
N LEU B 151 -5.18 -5.50 -11.40
CA LEU B 151 -3.95 -5.29 -10.65
C LEU B 151 -4.16 -5.44 -9.15
N GLU B 152 -5.37 -5.22 -8.65
CA GLU B 152 -5.54 -5.10 -7.21
C GLU B 152 -6.92 -5.61 -6.80
N ARG B 153 -6.97 -6.33 -5.67
CA ARG B 153 -8.23 -6.82 -5.10
C ARG B 153 -8.16 -6.59 -3.60
N ASP B 154 -9.01 -5.69 -3.10
CA ASP B 154 -8.94 -5.17 -1.74
C ASP B 154 -10.20 -5.53 -0.99
N ALA B 155 -10.15 -5.36 0.33
CA ALA B 155 -11.29 -5.69 1.18
C ALA B 155 -11.12 -5.00 2.53
N THR B 156 -12.21 -4.41 3.01
CA THR B 156 -12.33 -3.99 4.40
C THR B 156 -13.36 -4.91 5.03
N ILE B 157 -13.02 -5.48 6.17
CA ILE B 157 -13.84 -6.50 6.81
C ILE B 157 -13.94 -6.15 8.27
N SER B 158 -15.17 -6.13 8.79
CA SER B 158 -15.42 -5.91 10.21
C SER B 158 -16.41 -6.97 10.69
N PHE B 159 -16.19 -7.46 11.90
CA PHE B 159 -17.09 -8.44 12.47
C PHE B 159 -16.78 -8.59 13.96
N HIS B 160 -17.67 -9.29 14.65
CA HIS B 160 -17.55 -9.60 16.06
C HIS B 160 -17.31 -11.09 16.22
N VAL B 161 -16.38 -11.45 17.10
CA VAL B 161 -16.09 -12.84 17.41
C VAL B 161 -16.35 -13.09 18.89
N GLU B 162 -17.14 -14.11 19.19
CA GLU B 162 -17.31 -14.63 20.55
C GLU B 162 -16.43 -15.88 20.68
N ALA B 163 -15.42 -15.80 21.54
CA ALA B 163 -14.51 -16.92 21.77
C ALA B 163 -14.71 -17.46 23.18
N PRO B 164 -15.45 -18.56 23.34
CA PRO B 164 -15.60 -19.14 24.69
C PRO B 164 -14.32 -19.81 25.16
N THR B 165 -13.67 -20.53 24.25
CA THR B 165 -12.34 -21.12 24.39
C THR B 165 -11.37 -20.33 23.51
N ASP B 166 -10.06 -20.49 23.76
CA ASP B 166 -9.06 -20.00 22.83
C ASP B 166 -9.32 -20.64 21.47
N GLY B 167 -9.40 -19.82 20.42
CA GLY B 167 -9.68 -20.36 19.10
C GLY B 167 -9.06 -19.54 17.99
N ARG B 168 -9.60 -19.69 16.77
CA ARG B 168 -9.08 -18.91 15.66
C ARG B 168 -10.16 -18.75 14.60
N PHE B 169 -10.01 -17.73 13.77
CA PHE B 169 -10.75 -17.63 12.51
C PHE B 169 -9.74 -17.70 11.37
N PHE B 170 -10.25 -17.91 10.15
CA PHE B 170 -9.38 -17.96 8.99
C PHE B 170 -9.78 -16.90 7.98
N LEU B 171 -8.77 -16.24 7.42
CA LEU B 171 -8.92 -15.27 6.34
C LEU B 171 -8.63 -15.99 5.03
N VAL B 172 -9.59 -16.02 4.13
CA VAL B 172 -9.40 -16.65 2.84
C VAL B 172 -9.09 -15.55 1.83
N GLY B 173 -8.13 -15.81 0.95
CA GLY B 173 -7.63 -14.79 0.05
C GLY B 173 -8.31 -14.86 -1.29
N PRO B 174 -8.06 -13.85 -2.14
CA PRO B 174 -8.45 -13.97 -3.54
C PRO B 174 -7.57 -14.98 -4.24
N ALA B 175 -8.06 -15.49 -5.37
CA ALA B 175 -7.43 -16.65 -5.97
C ALA B 175 -6.12 -16.26 -6.66
N ILE B 176 -5.12 -17.11 -6.52
CA ILE B 176 -3.84 -16.94 -7.20
C ILE B 176 -3.97 -17.58 -8.56
N GLN B 177 -3.83 -16.79 -9.61
CA GLN B 177 -4.10 -17.27 -10.96
C GLN B 177 -2.88 -17.96 -11.54
N LYS B 178 -3.07 -19.18 -12.07
CA LYS B 178 -1.94 -19.97 -12.55
C LYS B 178 -1.67 -19.80 -14.04
N THR B 179 -2.62 -19.27 -14.82
CA THR B 179 -2.48 -19.29 -16.28
C THR B 179 -1.63 -18.12 -16.79
N ALA B 180 -1.11 -18.31 -18.02
CA ALA B 180 -0.20 -17.35 -18.65
C ALA B 180 -0.76 -15.93 -18.65
N LYS B 181 -2.06 -15.77 -18.92
CA LYS B 181 -2.57 -14.42 -19.13
C LYS B 181 -2.50 -13.56 -17.88
N TYR B 182 -2.34 -14.17 -16.70
CA TYR B 182 -2.20 -13.41 -15.47
C TYR B 182 -0.73 -13.25 -15.02
N ASN B 183 0.21 -13.77 -15.81
CA ASN B 183 1.63 -13.79 -15.49
C ASN B 183 2.29 -12.58 -16.14
N TYR B 184 2.80 -11.64 -15.32
CA TYR B 184 3.49 -10.45 -15.81
C TYR B 184 4.92 -10.37 -15.29
N THR B 185 5.57 -11.52 -15.09
CA THR B 185 6.96 -11.56 -14.66
C THR B 185 7.87 -11.53 -15.88
N ILE B 186 9.15 -11.22 -15.65
CA ILE B 186 10.16 -11.32 -16.70
C ILE B 186 10.25 -12.76 -17.20
N SER B 187 10.14 -12.93 -18.53
CA SER B 187 10.30 -14.26 -19.12
C SER B 187 11.75 -14.73 -19.02
N TYR B 188 11.93 -16.04 -18.80
CA TYR B 188 13.22 -16.70 -18.89
C TYR B 188 13.07 -17.98 -19.70
N GLY B 189 14.19 -18.52 -20.16
CA GLY B 189 14.20 -19.79 -20.87
C GLY B 189 13.98 -21.01 -19.99
N ASP B 190 14.56 -21.04 -18.79
CA ASP B 190 14.32 -22.11 -17.82
C ASP B 190 13.38 -21.64 -16.71
N TRP B 191 12.70 -22.61 -16.10
CA TRP B 191 11.85 -22.28 -14.97
C TRP B 191 12.68 -21.58 -13.92
N THR B 192 12.20 -20.41 -13.48
CA THR B 192 12.94 -19.50 -12.61
C THR B 192 12.07 -19.12 -11.40
N ASP B 193 12.53 -19.45 -10.20
CA ASP B 193 11.76 -19.16 -9.00
C ASP B 193 11.66 -17.66 -8.74
N ARG B 194 10.47 -17.25 -8.32
CA ARG B 194 10.18 -15.90 -7.85
C ARG B 194 9.47 -15.97 -6.51
N ASP B 195 9.72 -14.96 -5.68
CA ASP B 195 8.92 -14.73 -4.49
C ASP B 195 7.78 -13.80 -4.87
N GLU B 197 4.55 -11.69 -3.33
CA GLU B 197 3.77 -11.21 -2.20
C GLU B 197 2.31 -11.55 -2.40
N LEU B 198 1.61 -11.82 -1.30
CA LEU B 198 0.21 -12.16 -1.34
C LEU B 198 -0.71 -11.05 -0.88
N GLY B 199 -0.18 -9.88 -0.53
CA GLY B 199 -0.99 -8.77 -0.09
C GLY B 199 -0.61 -8.29 1.30
N LEU B 200 -0.97 -7.06 1.64
CA LEU B 200 -0.76 -6.57 2.99
C LEU B 200 -2.06 -6.79 3.76
N ILE B 201 -1.94 -7.53 4.84
CA ILE B 201 -3.06 -7.89 5.68
C ILE B 201 -2.83 -7.20 7.01
N THR B 202 -3.83 -6.43 7.47
CA THR B 202 -3.82 -5.83 8.79
C THR B 202 -5.04 -6.34 9.54
N VAL B 203 -4.80 -7.02 10.67
CA VAL B 203 -5.85 -7.60 11.50
C VAL B 203 -5.75 -6.95 12.87
N VAL B 204 -6.81 -6.28 13.32
CA VAL B 204 -6.86 -5.67 14.65
C VAL B 204 -8.00 -6.28 15.45
N LEU B 205 -7.71 -6.65 16.70
CA LEU B 205 -8.65 -7.25 17.64
C LEU B 205 -8.85 -6.30 18.81
N ASP B 206 -10.11 -5.95 19.10
CA ASP B 206 -10.48 -5.05 20.20
C ASP B 206 -11.42 -5.77 21.15
N GLU B 207 -11.00 -5.95 22.41
CA GLU B 207 -11.81 -6.68 23.37
C GLU B 207 -12.98 -5.83 23.84
N HIS B 208 -14.14 -6.49 24.02
CA HIS B 208 -15.35 -5.84 24.54
C HIS B 208 -16.05 -6.66 25.64
N ALA C 6 -0.54 -1.51 11.19
CA ALA C 6 0.50 -1.31 12.18
C ALA C 6 0.03 -0.38 13.30
N ASN C 7 -0.81 0.60 12.97
CA ASN C 7 -1.21 1.66 13.92
C ASN C 7 -2.65 1.43 14.39
N ARG C 8 -3.12 2.34 15.26
CA ARG C 8 -4.51 2.32 15.68
C ARG C 8 -5.44 3.01 14.70
N VAL C 9 -4.89 3.59 13.63
CA VAL C 9 -5.69 4.21 12.58
C VAL C 9 -6.02 3.13 11.54
N ARG C 10 -7.28 3.07 11.15
CA ARG C 10 -7.72 2.17 10.10
C ARG C 10 -7.29 2.73 8.74
N ARG C 11 -6.56 1.93 7.96
CA ARG C 11 -6.15 2.38 6.63
C ARG C 11 -7.38 2.66 5.76
N PRO C 12 -7.28 3.63 4.85
CA PRO C 12 -8.45 4.01 4.04
C PRO C 12 -8.59 3.10 2.83
N PRO C 13 -9.73 3.15 2.13
CA PRO C 13 -9.80 2.48 0.83
C PRO C 13 -8.80 3.11 -0.11
N ARG C 14 -8.05 2.27 -0.83
CA ARG C 14 -7.04 2.75 -1.75
C ARG C 14 -7.68 3.47 -2.94
N GLU C 15 -6.88 4.35 -3.56
CA GLU C 15 -7.39 5.28 -4.55
C GLU C 15 -7.69 4.60 -5.88
N GLY C 16 -8.66 5.16 -6.60
CA GLY C 16 -9.06 4.59 -7.88
C GLY C 16 -9.42 3.13 -7.80
N HIS C 17 -10.07 2.72 -6.71
CA HIS C 17 -10.57 1.36 -6.55
C HIS C 17 -12.06 1.41 -6.82
N ILE C 18 -12.49 0.83 -7.92
CA ILE C 18 -13.91 0.76 -8.16
C ILE C 18 -14.49 -0.34 -7.29
N TYR C 19 -15.64 -0.06 -6.70
CA TYR C 19 -16.20 -0.85 -5.61
C TYR C 19 -16.95 -2.06 -6.14
N MET C 20 -16.70 -3.24 -5.56
CA MET C 20 -17.28 -4.47 -6.07
C MET C 20 -18.64 -4.64 -5.40
N ALA C 21 -19.70 -4.53 -6.22
CA ALA C 21 -21.06 -4.77 -5.79
C ALA C 21 -21.51 -6.22 -6.03
N SER C 22 -20.54 -7.13 -6.19
CA SER C 22 -20.79 -8.54 -6.49
C SER C 22 -21.49 -8.65 -7.84
#